data_7POY
#
_entry.id   7POY
#
_cell.length_a   41.374
_cell.length_b   74.907
_cell.length_c   101.048
_cell.angle_alpha   90.000
_cell.angle_beta   90.000
_cell.angle_gamma   90.000
#
_symmetry.space_group_name_H-M   'P 21 21 21'
#
loop_
_entity.id
_entity.type
_entity.pdbx_description
1 polymer 'Isopenicillin N synthase'
2 non-polymer 'FE (III) ION'
3 non-polymer L-D-(A-AMINOADIPOYL)-L-CYSTEINYL-D-VALINE
4 non-polymer 'NITRIC OXIDE'
5 non-polymer ~{N}-[(3~{R})-2,2,5,5-tetramethyl-1-oxidanyl-pyrrolidin-3-yl]ethanamide
6 non-polymer 'SULFATE ION'
7 water water
#
_entity_poly.entity_id   1
_entity_poly.type   'polypeptide(L)'
_entity_poly.pdbx_seq_one_letter_code
;MGSVSKANVPKIDVSPLFGDDQAAKMRVAQQIDAASRDTGFFYAVNHGINVQRLCQKTKEFHMSITPEEKWDLAIRAYNK
EHQDQVRAGYYLSIPGKKAVESFCYLNPNFTPDHPRIQAKTPTHEVNVWPDETKHPGFQDFAEQYYWDVFGLSSALLKGY
ALALGKEENFFARHFKPDDTLASVVLIRYPYLDPYPEAAIKTAADGTKLSFEWHEDVSLITVLYQSNVQNLQVETAAGYQ
DIEADDTGYLINCGSYMAHLTNNYYKAPIHRVKWVNAERQSLPFFVNLGYDSVIDPFDPREPNGKSDREPLSYGDYLQNG
LVSLINKNGQT
;
_entity_poly.pdbx_strand_id   A
#
# COMPACT_ATOMS: atom_id res chain seq x y z
N VAL A 4 -7.82 -25.24 -0.89
CA VAL A 4 -7.92 -23.81 -1.15
C VAL A 4 -7.94 -23.52 -2.66
N SER A 5 -8.91 -22.73 -3.08
CA SER A 5 -9.05 -22.37 -4.48
C SER A 5 -8.20 -21.15 -4.81
N LYS A 6 -8.18 -20.78 -6.08
CA LYS A 6 -7.36 -19.69 -6.57
C LYS A 6 -8.22 -18.52 -7.03
N ALA A 7 -7.81 -17.33 -6.64
CA ALA A 7 -8.56 -16.13 -6.96
C ALA A 7 -8.37 -15.74 -8.42
N ASN A 8 -9.44 -15.29 -9.05
CA ASN A 8 -9.31 -14.70 -10.38
C ASN A 8 -8.71 -13.31 -10.21
N VAL A 9 -7.50 -13.12 -10.73
CA VAL A 9 -6.78 -11.86 -10.61
C VAL A 9 -6.31 -11.53 -12.03
N PRO A 10 -7.06 -10.75 -12.79
CA PRO A 10 -6.70 -10.54 -14.20
C PRO A 10 -5.49 -9.64 -14.35
N LYS A 11 -4.75 -9.86 -15.43
CA LYS A 11 -3.63 -9.00 -15.78
C LYS A 11 -4.12 -7.93 -16.76
N ILE A 12 -4.12 -6.68 -16.32
CA ILE A 12 -4.68 -5.57 -17.08
C ILE A 12 -3.55 -4.72 -17.60
N ASP A 13 -3.42 -4.65 -18.93
CA ASP A 13 -2.47 -3.73 -19.55
C ASP A 13 -2.96 -2.31 -19.31
N VAL A 14 -2.27 -1.57 -18.44
CA VAL A 14 -2.70 -0.23 -18.05
C VAL A 14 -2.03 0.86 -18.87
N SER A 15 -1.22 0.49 -19.87
CA SER A 15 -0.50 1.53 -20.62
C SER A 15 -1.42 2.56 -21.27
N PRO A 16 -2.64 2.23 -21.72
CA PRO A 16 -3.49 3.29 -22.30
C PRO A 16 -3.79 4.43 -21.34
N LEU A 17 -3.72 4.20 -20.04
CA LEU A 17 -4.05 5.24 -19.07
C LEU A 17 -3.00 6.33 -19.00
N PHE A 18 -1.83 6.13 -19.61
CA PHE A 18 -0.84 7.18 -19.77
C PHE A 18 -1.00 7.94 -21.08
N GLY A 19 -1.91 7.51 -21.96
CA GLY A 19 -2.04 8.06 -23.29
C GLY A 19 -3.26 8.96 -23.47
N ASP A 20 -3.57 9.22 -24.74
CA ASP A 20 -4.71 10.07 -25.12
C ASP A 20 -5.73 9.32 -25.99
N ASP A 21 -5.67 7.99 -26.01
CA ASP A 21 -6.68 7.19 -26.72
C ASP A 21 -7.82 6.96 -25.74
N GLN A 22 -8.84 7.83 -25.81
CA GLN A 22 -9.86 7.82 -24.77
C GLN A 22 -10.67 6.52 -24.79
N ALA A 23 -11.03 6.01 -25.97
CA ALA A 23 -11.74 4.74 -26.04
C ALA A 23 -10.90 3.61 -25.45
N ALA A 24 -9.59 3.63 -25.69
CA ALA A 24 -8.72 2.61 -25.11
C ALA A 24 -8.68 2.73 -23.60
N LYS A 25 -8.73 3.96 -23.08
CA LYS A 25 -8.79 4.13 -21.63
C LYS A 25 -10.07 3.55 -21.07
N MET A 26 -11.18 3.71 -21.79
CA MET A 26 -12.46 3.15 -21.35
C MET A 26 -12.40 1.63 -21.29
N ARG A 27 -11.72 1.00 -22.24
CA ARG A 27 -11.62 -0.46 -22.24
C ARG A 27 -10.77 -0.94 -21.07
N VAL A 28 -9.78 -0.15 -20.65
CA VAL A 28 -9.07 -0.45 -19.41
C VAL A 28 -10.00 -0.30 -18.22
N ALA A 29 -10.74 0.82 -18.17
CA ALA A 29 -11.63 1.06 -17.04
C ALA A 29 -12.64 -0.07 -16.88
N GLN A 30 -13.15 -0.60 -17.99
CA GLN A 30 -14.09 -1.71 -17.89
C GLN A 30 -13.45 -2.89 -17.18
N GLN A 31 -12.18 -3.15 -17.47
CA GLN A 31 -11.48 -4.26 -16.82
C GLN A 31 -11.26 -3.99 -15.34
N ILE A 32 -10.92 -2.75 -14.99
CA ILE A 32 -10.81 -2.37 -13.60
C ILE A 32 -12.16 -2.52 -12.90
N ASP A 33 -13.22 -2.06 -13.55
CA ASP A 33 -14.56 -2.23 -12.99
C ASP A 33 -14.86 -3.70 -12.72
N ALA A 34 -14.61 -4.57 -13.70
CA ALA A 34 -14.96 -5.99 -13.54
C ALA A 34 -14.15 -6.63 -12.41
N ALA A 35 -12.85 -6.30 -12.32
CA ALA A 35 -12.03 -6.84 -11.23
C ALA A 35 -12.48 -6.29 -9.89
N SER A 36 -12.85 -5.01 -9.84
CA SER A 36 -13.21 -4.40 -8.56
C SER A 36 -14.52 -4.97 -8.04
N ARG A 37 -15.39 -5.43 -8.93
CA ARG A 37 -16.66 -6.04 -8.58
C ARG A 37 -16.54 -7.54 -8.34
N ASP A 38 -15.42 -8.16 -8.69
CA ASP A 38 -15.21 -9.59 -8.50
C ASP A 38 -14.42 -9.84 -7.21
N THR A 39 -13.16 -10.24 -7.31
CA THR A 39 -12.39 -10.44 -6.07
C THR A 39 -11.85 -9.15 -5.51
N GLY A 40 -11.76 -8.10 -6.33
CA GLY A 40 -11.23 -6.82 -5.92
C GLY A 40 -9.76 -6.62 -6.20
N PHE A 41 -9.07 -7.61 -6.74
CA PHE A 41 -7.66 -7.51 -7.07
C PHE A 41 -7.45 -7.64 -8.57
N PHE A 42 -6.47 -6.92 -9.09
CA PHE A 42 -5.97 -7.16 -10.44
C PHE A 42 -4.49 -6.80 -10.47
N TYR A 43 -3.80 -7.32 -11.48
CA TYR A 43 -2.41 -6.97 -11.74
C TYR A 43 -2.35 -5.93 -12.83
N ALA A 44 -1.71 -4.79 -12.53
CA ALA A 44 -1.36 -3.83 -13.56
C ALA A 44 -0.07 -4.25 -14.25
N VAL A 45 -0.13 -4.49 -15.55
CA VAL A 45 1.02 -4.88 -16.36
C VAL A 45 1.26 -3.80 -17.42
N ASN A 46 2.45 -3.84 -18.01
CA ASN A 46 2.86 -2.81 -18.97
C ASN A 46 2.76 -1.43 -18.31
N HIS A 47 3.32 -1.33 -17.10
CA HIS A 47 3.17 -0.19 -16.23
C HIS A 47 4.34 0.78 -16.28
N GLY A 48 5.47 0.37 -16.85
CA GLY A 48 6.57 1.27 -17.10
C GLY A 48 7.55 1.46 -15.96
N ILE A 49 7.33 0.84 -14.81
CA ILE A 49 8.27 0.99 -13.71
C ILE A 49 9.35 -0.06 -13.83
N ASN A 50 10.59 0.34 -13.62
CA ASN A 50 11.71 -0.59 -13.60
C ASN A 50 11.70 -1.29 -12.24
N VAL A 51 11.17 -2.52 -12.21
CA VAL A 51 11.12 -3.29 -10.97
C VAL A 51 12.33 -4.19 -10.82
N GLN A 52 13.24 -4.21 -11.78
CA GLN A 52 14.24 -5.27 -11.85
C GLN A 52 15.18 -5.26 -10.66
N ARG A 53 15.37 -4.11 -10.03
CA ARG A 53 16.31 -3.97 -8.93
C ARG A 53 15.61 -3.63 -7.62
N LEU A 54 14.28 -3.44 -7.64
CA LEU A 54 13.56 -3.13 -6.42
C LEU A 54 13.82 -4.17 -5.34
N CYS A 55 13.89 -5.45 -5.72
N CYS A 55 13.87 -5.44 -5.73
CA CYS A 55 14.06 -6.48 -4.71
CA CYS A 55 14.08 -6.51 -4.75
C CYS A 55 15.48 -6.49 -4.14
C CYS A 55 15.47 -6.44 -4.14
N GLN A 56 16.49 -6.30 -4.98
CA GLN A 56 17.87 -6.35 -4.49
C GLN A 56 18.12 -5.20 -3.52
N LYS A 57 17.81 -3.98 -3.93
CA LYS A 57 18.02 -2.83 -3.08
C LYS A 57 17.30 -2.98 -1.74
N THR A 58 16.03 -3.37 -1.77
CA THR A 58 15.30 -3.61 -0.54
C THR A 58 16.00 -4.64 0.32
N LYS A 59 16.43 -5.75 -0.28
CA LYS A 59 17.08 -6.81 0.50
C LYS A 59 18.44 -6.37 1.01
N GLU A 60 19.23 -5.69 0.17
CA GLU A 60 20.55 -5.25 0.62
C GLU A 60 20.44 -4.21 1.72
N PHE A 61 19.49 -3.28 1.61
CA PHE A 61 19.27 -2.32 2.68
C PHE A 61 18.96 -3.03 3.98
N HIS A 62 17.98 -3.94 3.97
CA HIS A 62 17.60 -4.58 5.23
C HIS A 62 18.68 -5.50 5.77
N MET A 63 19.45 -6.14 4.90
CA MET A 63 20.49 -7.05 5.36
C MET A 63 21.79 -6.34 5.71
N SER A 64 22.02 -5.15 5.13
CA SER A 64 23.23 -4.40 5.44
C SER A 64 23.06 -3.37 6.56
N ILE A 65 21.82 -2.97 6.87
CA ILE A 65 21.60 -2.06 7.99
C ILE A 65 21.88 -2.79 9.29
N THR A 66 22.53 -2.10 10.24
CA THR A 66 23.00 -2.69 11.50
C THR A 66 22.06 -2.36 12.64
N PRO A 67 22.17 -3.06 13.77
CA PRO A 67 21.33 -2.73 14.93
C PRO A 67 21.42 -1.27 15.36
N GLU A 68 22.64 -0.71 15.37
CA GLU A 68 22.82 0.69 15.70
C GLU A 68 21.98 1.59 14.81
N GLU A 69 22.04 1.36 13.50
CA GLU A 69 21.29 2.19 12.56
C GLU A 69 19.79 1.98 12.73
N LYS A 70 19.37 0.76 13.04
CA LYS A 70 17.94 0.50 13.21
C LYS A 70 17.39 1.26 14.41
N TRP A 71 18.12 1.29 15.53
CA TRP A 71 17.68 2.12 16.65
C TRP A 71 17.65 3.59 16.25
N ASP A 72 18.65 4.03 15.48
CA ASP A 72 18.76 5.44 15.12
C ASP A 72 17.61 5.89 14.23
N LEU A 73 17.02 4.98 13.47
CA LEU A 73 15.93 5.29 12.54
C LEU A 73 14.57 4.85 13.04
N ALA A 74 14.50 4.31 14.24
CA ALA A 74 13.32 3.57 14.69
C ALA A 74 12.15 4.50 14.94
N ILE A 75 10.95 4.00 14.61
CA ILE A 75 9.72 4.73 14.92
C ILE A 75 9.49 4.70 16.42
N ARG A 76 8.53 5.50 16.88
CA ARG A 76 8.26 5.69 18.30
C ARG A 76 7.92 4.40 19.01
N ALA A 77 7.35 3.42 18.31
CA ALA A 77 6.96 2.16 18.94
C ALA A 77 8.17 1.35 19.40
N TYR A 78 9.34 1.60 18.83
CA TYR A 78 10.56 0.90 19.22
C TYR A 78 11.58 1.79 19.89
N ASN A 79 11.40 3.11 19.87
CA ASN A 79 12.37 4.04 20.44
C ASN A 79 11.62 5.23 21.01
N LYS A 80 11.56 5.30 22.35
CA LYS A 80 10.84 6.37 23.02
C LYS A 80 11.41 7.75 22.71
N GLU A 81 12.65 7.84 22.24
CA GLU A 81 13.25 9.14 21.94
C GLU A 81 12.69 9.79 20.69
N HIS A 82 11.95 9.04 19.86
CA HIS A 82 11.54 9.52 18.54
C HIS A 82 10.04 9.76 18.52
N GLN A 83 9.55 10.67 19.36
CA GLN A 83 8.12 10.86 19.50
C GLN A 83 7.46 11.37 18.23
N ASP A 84 8.21 11.99 17.33
CA ASP A 84 7.64 12.51 16.08
C ASP A 84 7.54 11.46 15.00
N GLN A 85 8.16 10.30 15.17
CA GLN A 85 8.16 9.26 14.16
C GLN A 85 7.06 8.26 14.51
N VAL A 86 5.85 8.59 14.11
CA VAL A 86 4.73 7.65 14.22
C VAL A 86 4.68 6.73 13.02
N ARG A 87 4.76 7.29 11.83
CA ARG A 87 4.64 6.55 10.58
C ARG A 87 5.99 6.23 9.94
N ALA A 88 6.87 7.23 9.83
CA ALA A 88 8.09 7.10 9.04
C ALA A 88 9.25 6.64 9.90
N GLY A 89 10.01 5.68 9.39
CA GLY A 89 11.18 5.17 10.05
C GLY A 89 11.25 3.67 9.97
N TYR A 90 12.13 3.10 10.79
CA TYR A 90 12.38 1.66 10.75
C TYR A 90 11.50 0.94 11.76
N TYR A 91 10.95 -0.21 11.33
CA TYR A 91 10.05 -1.06 12.10
C TYR A 91 10.85 -2.34 12.38
N LEU A 92 11.39 -2.46 13.60
CA LEU A 92 12.36 -3.52 13.88
C LEU A 92 11.71 -4.88 14.02
N SER A 93 12.46 -5.92 13.63
CA SER A 93 12.10 -7.28 14.00
C SER A 93 12.45 -7.50 15.48
N ILE A 94 11.88 -8.56 16.04
CA ILE A 94 12.20 -9.00 17.40
C ILE A 94 12.63 -10.47 17.27
N PRO A 95 13.93 -10.78 17.16
CA PRO A 95 14.33 -12.18 17.00
C PRO A 95 13.66 -13.08 18.02
N GLY A 96 13.19 -14.23 17.56
CA GLY A 96 12.46 -15.16 18.40
C GLY A 96 10.99 -14.86 18.56
N LYS A 97 10.52 -13.67 18.15
CA LYS A 97 9.15 -13.25 18.38
C LYS A 97 8.49 -12.65 17.15
N LYS A 98 9.20 -11.83 16.38
CA LYS A 98 8.62 -11.09 15.26
C LYS A 98 9.61 -11.14 14.11
N ALA A 99 9.18 -11.70 12.98
CA ALA A 99 10.11 -11.92 11.87
C ALA A 99 10.20 -10.71 10.96
N VAL A 100 9.07 -10.08 10.67
CA VAL A 100 9.02 -9.03 9.66
C VAL A 100 9.72 -7.78 10.19
N GLU A 101 10.42 -7.10 9.28
CA GLU A 101 11.02 -5.80 9.55
C GLU A 101 10.76 -4.93 8.33
N SER A 102 10.65 -3.62 8.53
CA SER A 102 10.33 -2.76 7.40
C SER A 102 10.84 -1.35 7.65
N PHE A 103 10.78 -0.55 6.58
CA PHE A 103 11.15 0.86 6.60
C PHE A 103 10.08 1.60 5.83
N CYS A 104 9.39 2.52 6.49
CA CYS A 104 8.33 3.30 5.89
C CYS A 104 8.79 4.73 5.65
N TYR A 105 8.48 5.28 4.49
CA TYR A 105 8.75 6.69 4.26
C TYR A 105 7.57 7.33 3.54
N LEU A 106 7.49 8.64 3.69
CA LEU A 106 6.36 9.43 3.25
C LEU A 106 6.79 10.34 2.12
N ASN A 107 5.89 11.25 1.75
CA ASN A 107 6.12 12.30 0.75
C ASN A 107 7.47 12.98 0.96
N PRO A 108 8.40 12.87 0.01
CA PRO A 108 9.67 13.59 0.15
C PRO A 108 9.52 15.10 0.30
N ASN A 109 8.42 15.69 -0.13
CA ASN A 109 8.24 17.13 -0.03
C ASN A 109 7.86 17.57 1.38
N PHE A 110 7.65 16.62 2.30
CA PHE A 110 7.48 16.96 3.72
C PHE A 110 8.85 17.27 4.30
N THR A 111 9.22 18.53 4.25
CA THR A 111 10.44 19.06 4.85
C THR A 111 10.09 20.00 5.98
N PRO A 112 11.07 20.39 6.80
CA PRO A 112 10.77 21.36 7.87
C PRO A 112 10.10 22.63 7.37
N ASP A 113 10.32 23.02 6.12
CA ASP A 113 9.69 24.20 5.55
C ASP A 113 8.28 23.96 5.03
N HIS A 114 7.82 22.71 4.99
CA HIS A 114 6.49 22.42 4.48
C HIS A 114 5.43 22.97 5.44
N PRO A 115 4.33 23.53 4.92
CA PRO A 115 3.33 24.14 5.83
C PRO A 115 2.70 23.16 6.79
N ARG A 116 2.45 21.92 6.36
CA ARG A 116 1.84 20.94 7.25
C ARG A 116 2.80 20.50 8.34
N ILE A 117 4.10 20.46 8.04
CA ILE A 117 5.09 20.17 9.07
C ILE A 117 5.20 21.34 10.05
N GLN A 118 5.23 22.57 9.53
CA GLN A 118 5.27 23.73 10.43
C GLN A 118 4.00 23.82 11.26
N ALA A 119 2.85 23.44 10.71
CA ALA A 119 1.62 23.42 11.48
C ALA A 119 1.52 22.20 12.40
N LYS A 120 2.47 21.27 12.34
CA LYS A 120 2.46 20.06 13.17
C LYS A 120 1.20 19.23 12.97
N THR A 121 0.68 19.20 11.75
CA THR A 121 -0.56 18.48 11.49
C THR A 121 -0.32 16.98 11.59
N PRO A 122 -1.20 16.24 12.26
CA PRO A 122 -0.99 14.78 12.37
C PRO A 122 -0.90 14.11 11.01
N THR A 123 -0.16 13.00 10.98
CA THR A 123 0.10 12.09 9.86
C THR A 123 1.15 12.66 8.90
N HIS A 124 1.61 13.89 9.11
CA HIS A 124 2.70 14.47 8.33
C HIS A 124 4.00 14.37 9.13
N GLU A 125 5.04 13.82 8.51
CA GLU A 125 6.34 13.68 9.16
C GLU A 125 7.44 13.90 8.14
N VAL A 126 8.58 14.40 8.61
CA VAL A 126 9.77 14.49 7.77
C VAL A 126 10.48 13.15 7.78
N ASN A 127 10.74 12.61 6.59
CA ASN A 127 11.37 11.31 6.50
C ASN A 127 12.72 11.29 7.20
N VAL A 128 13.06 10.13 7.75
CA VAL A 128 14.41 9.86 8.27
C VAL A 128 15.09 8.89 7.32
N TRP A 129 16.41 9.07 7.17
CA TRP A 129 17.20 8.31 6.22
C TRP A 129 18.49 7.84 6.87
N PRO A 130 19.02 6.69 6.45
CA PRO A 130 20.32 6.24 6.95
C PRO A 130 21.45 7.10 6.41
N ASP A 131 22.64 6.86 6.95
CA ASP A 131 23.84 7.56 6.51
C ASP A 131 24.14 7.26 5.05
N GLU A 132 24.35 8.31 4.26
CA GLU A 132 24.58 8.13 2.83
C GLU A 132 25.80 7.27 2.57
N THR A 133 26.85 7.42 3.39
CA THR A 133 28.07 6.64 3.16
C THR A 133 27.84 5.16 3.45
N LYS A 134 27.05 4.84 4.49
CA LYS A 134 26.77 3.45 4.78
C LYS A 134 25.75 2.85 3.81
N HIS A 135 24.93 3.67 3.15
CA HIS A 135 23.91 3.20 2.21
C HIS A 135 23.94 4.06 0.96
N PRO A 136 25.00 3.94 0.16
CA PRO A 136 25.16 4.81 -1.00
C PRO A 136 23.97 4.69 -1.94
N GLY A 137 23.41 5.83 -2.32
CA GLY A 137 22.35 5.89 -3.29
C GLY A 137 20.98 5.48 -2.79
N PHE A 138 20.87 5.02 -1.54
CA PHE A 138 19.59 4.49 -1.09
C PHE A 138 18.50 5.56 -1.08
N GLN A 139 18.79 6.73 -0.51
CA GLN A 139 17.76 7.76 -0.41
C GLN A 139 17.34 8.23 -1.80
N ASP A 140 18.30 8.41 -2.71
CA ASP A 140 17.97 8.79 -4.07
C ASP A 140 17.05 7.76 -4.72
N PHE A 141 17.42 6.49 -4.62
CA PHE A 141 16.58 5.43 -5.16
C PHE A 141 15.18 5.48 -4.58
N ALA A 142 15.07 5.64 -3.26
CA ALA A 142 13.78 5.56 -2.60
C ALA A 142 12.89 6.74 -2.96
N GLU A 143 13.46 7.95 -3.02
CA GLU A 143 12.66 9.11 -3.38
C GLU A 143 12.18 9.01 -4.83
N GLN A 144 13.06 8.62 -5.75
CA GLN A 144 12.64 8.44 -7.14
C GLN A 144 11.58 7.37 -7.26
N TYR A 145 11.72 6.27 -6.51
CA TYR A 145 10.69 5.24 -6.56
C TYR A 145 9.34 5.80 -6.12
N TYR A 146 9.33 6.59 -5.04
CA TYR A 146 8.10 7.24 -4.58
C TYR A 146 7.39 7.93 -5.74
N TRP A 147 8.13 8.71 -6.53
CA TRP A 147 7.50 9.44 -7.63
C TRP A 147 7.18 8.55 -8.83
N ASP A 148 7.95 7.48 -9.04
CA ASP A 148 7.62 6.54 -10.10
C ASP A 148 6.27 5.88 -9.82
N VAL A 149 6.07 5.42 -8.59
CA VAL A 149 4.83 4.75 -8.25
C VAL A 149 3.70 5.76 -8.06
N PHE A 150 4.02 7.00 -7.66
CA PHE A 150 3.03 8.07 -7.70
C PHE A 150 2.45 8.23 -9.10
N GLY A 151 3.31 8.24 -10.11
CA GLY A 151 2.83 8.42 -11.48
C GLY A 151 1.97 7.27 -11.94
N LEU A 152 2.40 6.03 -11.66
CA LEU A 152 1.56 4.88 -11.96
C LEU A 152 0.22 4.98 -11.25
N SER A 153 0.24 5.33 -9.98
CA SER A 153 -1.00 5.45 -9.20
C SER A 153 -1.92 6.53 -9.76
N SER A 154 -1.35 7.64 -10.22
CA SER A 154 -2.17 8.68 -10.83
C SER A 154 -2.91 8.14 -12.04
N ALA A 155 -2.21 7.40 -12.90
CA ALA A 155 -2.85 6.80 -14.08
C ALA A 155 -3.94 5.82 -13.66
N LEU A 156 -3.64 4.95 -12.69
CA LEU A 156 -4.63 3.99 -12.22
C LEU A 156 -5.88 4.69 -11.71
N LEU A 157 -5.70 5.79 -10.99
CA LEU A 157 -6.85 6.53 -10.46
C LEU A 157 -7.72 7.09 -11.57
N LYS A 158 -7.11 7.41 -12.72
CA LYS A 158 -7.89 7.81 -13.88
C LYS A 158 -8.72 6.64 -14.40
N GLY A 159 -8.17 5.43 -14.33
CA GLY A 159 -8.94 4.26 -14.71
C GLY A 159 -10.10 4.00 -13.77
N TYR A 160 -9.87 4.13 -12.46
CA TYR A 160 -10.95 3.92 -11.50
C TYR A 160 -12.05 4.95 -11.67
N ALA A 161 -11.68 6.22 -11.90
CA ALA A 161 -12.69 7.25 -12.09
C ALA A 161 -13.56 6.94 -13.31
N LEU A 162 -12.93 6.63 -14.44
CA LEU A 162 -13.71 6.29 -15.63
C LEU A 162 -14.57 5.07 -15.39
N ALA A 163 -14.03 4.07 -14.68
CA ALA A 163 -14.78 2.85 -14.38
C ALA A 163 -16.07 3.14 -13.63
N LEU A 164 -16.06 4.17 -12.79
CA LEU A 164 -17.21 4.54 -11.98
C LEU A 164 -18.11 5.57 -12.64
N GLY A 165 -17.83 5.91 -13.91
CA GLY A 165 -18.67 6.84 -14.64
C GLY A 165 -18.34 8.30 -14.43
N LYS A 166 -17.17 8.61 -13.87
CA LYS A 166 -16.74 9.97 -13.61
C LYS A 166 -15.72 10.41 -14.64
N GLU A 167 -15.47 11.72 -14.69
CA GLU A 167 -14.35 12.23 -15.47
C GLU A 167 -13.04 11.74 -14.86
N GLU A 168 -12.01 11.66 -15.70
CA GLU A 168 -10.84 10.88 -15.32
C GLU A 168 -10.06 11.49 -14.16
N ASN A 169 -10.29 12.75 -13.82
CA ASN A 169 -9.56 13.39 -12.72
C ASN A 169 -10.36 13.40 -11.42
N PHE A 170 -11.44 12.61 -11.34
CA PHE A 170 -12.30 12.62 -10.17
C PHE A 170 -11.54 12.31 -8.89
N PHE A 171 -10.60 11.36 -8.96
CA PHE A 171 -9.73 11.03 -7.84
C PHE A 171 -8.39 11.73 -7.92
N ALA A 172 -7.77 11.71 -9.10
CA ALA A 172 -6.41 12.21 -9.25
C ALA A 172 -6.30 13.68 -8.91
N ARG A 173 -7.39 14.45 -9.04
CA ARG A 173 -7.30 15.87 -8.70
C ARG A 173 -6.99 16.07 -7.23
N HIS A 174 -7.25 15.06 -6.39
CA HIS A 174 -6.95 15.13 -4.97
C HIS A 174 -5.62 14.48 -4.62
N PHE A 175 -4.91 13.95 -5.61
CA PHE A 175 -3.69 13.19 -5.43
C PHE A 175 -2.56 14.04 -6.02
N LYS A 176 -1.86 14.76 -5.16
CA LYS A 176 -0.94 15.81 -5.56
C LYS A 176 0.41 15.63 -4.90
N PRO A 177 1.50 15.91 -5.62
CA PRO A 177 2.82 15.76 -4.99
C PRO A 177 3.05 16.68 -3.82
N ASP A 178 2.35 17.81 -3.76
N ASP A 178 2.34 17.82 -3.75
CA ASP A 178 2.62 18.78 -2.70
CA ASP A 178 2.63 18.78 -2.69
C ASP A 178 2.04 18.37 -1.35
C ASP A 178 2.07 18.34 -1.34
N ASP A 179 1.02 17.51 -1.33
CA ASP A 179 0.36 17.18 -0.07
C ASP A 179 -0.07 15.73 0.10
N THR A 180 0.24 14.83 -0.83
CA THR A 180 -0.25 13.46 -0.66
C THR A 180 0.31 12.85 0.62
N LEU A 181 -0.56 12.16 1.36
CA LEU A 181 -0.16 11.40 2.54
C LEU A 181 0.26 9.97 2.19
N ALA A 182 0.49 9.69 0.91
CA ALA A 182 0.83 8.35 0.48
C ALA A 182 2.15 7.89 1.11
N SER A 183 2.29 6.58 1.25
CA SER A 183 3.47 6.01 1.88
C SER A 183 3.98 4.81 1.09
N VAL A 184 5.30 4.65 1.13
CA VAL A 184 6.00 3.45 0.67
C VAL A 184 6.48 2.71 1.92
N VAL A 185 6.31 1.39 1.94
CA VAL A 185 6.91 0.54 2.96
C VAL A 185 7.79 -0.49 2.27
N LEU A 186 9.05 -0.57 2.69
CA LEU A 186 9.99 -1.57 2.20
C LEU A 186 10.06 -2.67 3.24
N ILE A 187 9.41 -3.80 2.95
CA ILE A 187 9.22 -4.87 3.94
C ILE A 187 10.13 -6.04 3.60
N ARG A 188 10.85 -6.53 4.59
CA ARG A 188 11.56 -7.80 4.48
C ARG A 188 10.81 -8.86 5.28
N TYR A 189 10.44 -9.95 4.61
CA TYR A 189 9.97 -11.16 5.27
C TYR A 189 11.12 -12.16 5.23
N PRO A 190 11.73 -12.53 6.36
CA PRO A 190 12.96 -13.33 6.29
C PRO A 190 12.70 -14.83 6.21
N TYR A 191 13.70 -15.54 5.70
CA TYR A 191 13.83 -16.96 5.94
C TYR A 191 14.48 -17.16 7.30
N LEU A 192 13.88 -18.04 8.11
CA LEU A 192 14.38 -18.32 9.45
C LEU A 192 14.30 -19.80 9.74
N ASP A 193 15.34 -20.35 10.35
CA ASP A 193 15.38 -21.75 10.70
C ASP A 193 16.10 -21.88 12.04
N PRO A 194 15.39 -22.20 13.14
CA PRO A 194 13.94 -22.41 13.24
C PRO A 194 13.14 -21.11 13.06
N TYR A 195 11.92 -21.22 12.57
CA TYR A 195 11.07 -20.04 12.47
C TYR A 195 10.35 -19.85 13.80
N PRO A 196 10.38 -18.65 14.38
CA PRO A 196 9.77 -18.46 15.71
C PRO A 196 8.27 -18.67 15.65
N GLU A 197 7.78 -19.55 16.52
CA GLU A 197 6.35 -19.84 16.57
C GLU A 197 5.54 -18.60 16.90
N ALA A 198 6.08 -17.73 17.75
CA ALA A 198 5.37 -16.52 18.13
C ALA A 198 5.08 -15.62 16.94
N ALA A 199 5.90 -15.71 15.89
CA ALA A 199 5.69 -14.88 14.72
C ALA A 199 4.67 -15.47 13.75
N ILE A 200 4.06 -16.61 14.09
CA ILE A 200 3.10 -17.29 13.22
C ILE A 200 1.75 -17.30 13.93
N LYS A 201 0.75 -16.73 13.30
CA LYS A 201 -0.61 -16.72 13.81
C LYS A 201 -1.44 -17.80 13.10
N THR A 202 -2.33 -18.42 13.83
CA THR A 202 -3.22 -19.45 13.27
C THR A 202 -4.61 -18.84 13.09
N ALA A 203 -5.08 -18.85 11.84
CA ALA A 203 -6.39 -18.33 11.53
C ALA A 203 -7.48 -19.26 12.08
N ALA A 204 -8.71 -18.76 12.05
CA ALA A 204 -9.84 -19.61 12.44
C ALA A 204 -9.95 -20.85 11.58
N ASP A 205 -9.59 -20.78 10.30
CA ASP A 205 -9.68 -21.94 9.42
C ASP A 205 -8.42 -22.80 9.47
N GLY A 206 -7.50 -22.52 10.40
CA GLY A 206 -6.30 -23.30 10.57
C GLY A 206 -5.11 -22.84 9.76
N THR A 207 -5.29 -21.91 8.83
CA THR A 207 -4.18 -21.44 8.02
C THR A 207 -3.17 -20.69 8.88
N LYS A 208 -1.89 -21.00 8.69
CA LYS A 208 -0.82 -20.29 9.39
C LYS A 208 -0.54 -18.97 8.69
N LEU A 209 -0.47 -17.89 9.46
CA LEU A 209 -0.40 -16.55 8.89
C LEU A 209 0.74 -15.72 9.44
N SER A 210 1.23 -14.80 8.60
CA SER A 210 2.13 -13.74 9.05
C SER A 210 1.39 -12.44 9.37
N PHE A 211 0.23 -12.21 8.75
CA PHE A 211 -0.55 -11.00 8.99
C PHE A 211 -2.02 -11.35 8.78
N GLU A 212 -2.87 -10.93 9.72
CA GLU A 212 -4.24 -11.40 9.75
C GLU A 212 -5.13 -10.60 8.81
N TRP A 213 -6.38 -11.04 8.73
CA TRP A 213 -7.35 -10.43 7.83
C TRP A 213 -7.51 -8.95 8.14
N HIS A 214 -7.67 -8.16 7.09
CA HIS A 214 -7.84 -6.72 7.22
C HIS A 214 -8.33 -6.18 5.88
N GLU A 215 -8.92 -4.99 5.95
CA GLU A 215 -9.12 -4.12 4.80
C GLU A 215 -8.05 -3.04 4.83
N ASP A 216 -7.60 -2.61 3.67
CA ASP A 216 -6.53 -1.62 3.64
C ASP A 216 -7.04 -0.25 4.03
N VAL A 217 -6.17 0.50 4.71
CA VAL A 217 -6.35 1.92 4.96
C VAL A 217 -5.71 2.65 3.78
N SER A 218 -6.52 3.02 2.79
CA SER A 218 -6.03 3.66 1.59
C SER A 218 -7.24 3.98 0.71
N LEU A 219 -6.99 4.77 -0.34
CA LEU A 219 -7.93 4.82 -1.46
C LEU A 219 -7.75 3.59 -2.35
N ILE A 220 -6.55 3.41 -2.88
CA ILE A 220 -6.12 2.16 -3.49
C ILE A 220 -4.74 1.81 -2.94
N THR A 221 -4.35 0.56 -3.11
CA THR A 221 -3.04 0.06 -2.72
C THR A 221 -2.35 -0.49 -3.97
N VAL A 222 -1.08 -0.13 -4.15
CA VAL A 222 -0.31 -0.43 -5.37
C VAL A 222 0.94 -1.15 -4.92
N LEU A 223 0.97 -2.47 -5.11
CA LEU A 223 1.93 -3.33 -4.44
C LEU A 223 2.80 -4.08 -5.42
N TYR A 224 4.11 -4.04 -5.16
CA TYR A 224 5.07 -4.92 -5.79
C TYR A 224 5.61 -5.90 -4.75
N GLN A 225 5.71 -7.17 -5.13
CA GLN A 225 6.22 -8.20 -4.24
C GLN A 225 7.09 -9.19 -4.99
N SER A 226 8.01 -9.82 -4.24
N SER A 226 8.03 -9.81 -4.27
CA SER A 226 8.81 -10.90 -4.77
CA SER A 226 8.83 -10.84 -4.89
C SER A 226 7.92 -12.04 -5.26
C SER A 226 7.96 -12.06 -5.20
N ASN A 227 8.53 -12.99 -5.98
CA ASN A 227 7.77 -14.09 -6.57
C ASN A 227 7.66 -15.23 -5.56
N VAL A 228 6.92 -14.98 -4.50
CA VAL A 228 6.62 -15.99 -3.49
C VAL A 228 5.15 -15.81 -3.13
N GLN A 229 4.33 -16.80 -3.45
CA GLN A 229 2.90 -16.70 -3.22
C GLN A 229 2.61 -16.62 -1.74
N ASN A 230 1.75 -15.67 -1.35
CA ASN A 230 1.45 -15.53 0.06
C ASN A 230 0.11 -14.88 0.37
N LEU A 231 -0.40 -14.07 -0.54
CA LEU A 231 -1.62 -13.32 -0.27
C LEU A 231 -2.85 -14.19 -0.56
N GLN A 232 -3.88 -14.00 0.27
CA GLN A 232 -5.18 -14.62 0.06
C GLN A 232 -6.25 -13.54 0.18
N VAL A 233 -7.27 -13.62 -0.67
CA VAL A 233 -8.40 -12.70 -0.62
C VAL A 233 -9.62 -13.50 -0.18
N GLU A 234 -10.42 -12.90 0.70
CA GLU A 234 -11.62 -13.55 1.19
C GLU A 234 -12.76 -13.31 0.21
N THR A 235 -13.47 -14.39 -0.12
CA THR A 235 -14.69 -14.35 -0.90
C THR A 235 -15.81 -15.01 -0.08
N ALA A 236 -17.03 -14.96 -0.63
CA ALA A 236 -18.12 -15.67 0.01
C ALA A 236 -17.81 -17.15 0.19
N ALA A 237 -17.05 -17.73 -0.73
CA ALA A 237 -16.71 -19.16 -0.69
C ALA A 237 -15.42 -19.43 0.09
N GLY A 238 -14.87 -18.46 0.77
CA GLY A 238 -13.69 -18.64 1.58
C GLY A 238 -12.47 -17.93 1.00
N TYR A 239 -11.34 -18.14 1.66
CA TYR A 239 -10.11 -17.49 1.23
C TYR A 239 -9.56 -18.17 -0.02
N GLN A 240 -9.15 -17.35 -0.98
CA GLN A 240 -8.59 -17.82 -2.24
C GLN A 240 -7.18 -17.28 -2.40
N ASP A 241 -6.29 -18.16 -2.87
CA ASP A 241 -4.89 -17.77 -3.08
C ASP A 241 -4.79 -16.77 -4.23
N ILE A 242 -3.96 -15.74 -4.03
CA ILE A 242 -3.58 -14.79 -5.07
C ILE A 242 -2.22 -15.22 -5.59
N GLU A 243 -2.13 -15.59 -6.87
CA GLU A 243 -0.85 -16.01 -7.41
C GLU A 243 0.10 -14.82 -7.50
N ALA A 244 1.38 -15.11 -7.36
CA ALA A 244 2.39 -14.06 -7.42
C ALA A 244 2.67 -13.69 -8.87
N ASP A 245 3.19 -12.47 -9.05
CA ASP A 245 3.59 -11.99 -10.37
C ASP A 245 4.63 -10.90 -10.11
N ASP A 246 5.90 -11.26 -10.18
CA ASP A 246 6.95 -10.31 -9.87
C ASP A 246 7.34 -9.43 -11.06
N THR A 247 6.47 -9.31 -12.06
CA THR A 247 6.60 -8.26 -13.06
C THR A 247 5.53 -7.19 -12.92
N GLY A 248 4.37 -7.53 -12.37
CA GLY A 248 3.26 -6.62 -12.28
C GLY A 248 3.08 -6.03 -10.89
N TYR A 249 2.18 -5.06 -10.83
CA TYR A 249 1.75 -4.44 -9.58
C TYR A 249 0.36 -4.94 -9.23
N LEU A 250 0.23 -5.48 -8.01
CA LEU A 250 -1.06 -5.93 -7.51
C LEU A 250 -1.83 -4.72 -6.97
N ILE A 251 -3.04 -4.53 -7.46
CA ILE A 251 -3.86 -3.37 -7.14
C ILE A 251 -5.13 -3.83 -6.45
N ASN A 252 -5.54 -3.10 -5.42
CA ASN A 252 -6.84 -3.29 -4.79
C ASN A 252 -7.30 -1.99 -4.16
N CYS A 253 -8.59 -1.91 -3.86
CA CYS A 253 -9.14 -0.74 -3.21
C CYS A 253 -8.99 -0.82 -1.69
N GLY A 254 -8.92 0.35 -1.06
CA GLY A 254 -8.98 0.46 0.37
C GLY A 254 -10.33 0.96 0.85
N SER A 255 -10.48 1.02 2.18
CA SER A 255 -11.78 1.33 2.75
C SER A 255 -12.25 2.75 2.45
N TYR A 256 -11.35 3.65 2.05
CA TYR A 256 -11.85 4.96 1.65
C TYR A 256 -12.63 4.86 0.36
N MET A 257 -12.21 4.00 -0.57
CA MET A 257 -12.96 3.80 -1.81
C MET A 257 -14.31 3.14 -1.54
N ALA A 258 -14.33 2.14 -0.66
CA ALA A 258 -15.59 1.48 -0.32
C ALA A 258 -16.58 2.47 0.26
N HIS A 259 -16.11 3.37 1.12
CA HIS A 259 -17.00 4.36 1.71
C HIS A 259 -17.62 5.26 0.64
N LEU A 260 -16.78 5.84 -0.22
CA LEU A 260 -17.28 6.87 -1.13
C LEU A 260 -18.13 6.29 -2.25
N THR A 261 -18.03 4.99 -2.52
CA THR A 261 -18.84 4.36 -3.54
C THR A 261 -20.03 3.60 -2.97
N ASN A 262 -20.38 3.85 -1.70
N ASN A 262 -20.39 3.87 -1.71
CA ASN A 262 -21.45 3.12 -1.04
CA ASN A 262 -21.44 3.12 -1.01
C ASN A 262 -21.23 1.61 -1.14
C ASN A 262 -21.22 1.62 -1.16
N ASN A 263 -19.95 1.20 -1.02
CA ASN A 263 -19.54 -0.20 -1.03
C ASN A 263 -19.67 -0.86 -2.40
N TYR A 264 -19.87 -0.10 -3.47
CA TYR A 264 -19.93 -0.68 -4.80
C TYR A 264 -18.58 -1.30 -5.18
N TYR A 265 -17.49 -0.60 -4.91
CA TYR A 265 -16.15 -1.18 -4.97
C TYR A 265 -15.75 -1.47 -3.54
N LYS A 266 -15.91 -2.71 -3.12
CA LYS A 266 -15.58 -3.09 -1.75
C LYS A 266 -14.06 -3.02 -1.54
N ALA A 267 -13.67 -2.79 -0.28
CA ALA A 267 -12.29 -2.98 0.14
C ALA A 267 -12.11 -4.46 0.42
N PRO A 268 -11.44 -5.22 -0.45
CA PRO A 268 -11.38 -6.67 -0.23
C PRO A 268 -10.63 -7.00 1.04
N ILE A 269 -11.20 -7.92 1.83
CA ILE A 269 -10.50 -8.47 2.99
C ILE A 269 -9.45 -9.45 2.50
N HIS A 270 -8.24 -9.34 3.05
CA HIS A 270 -7.15 -10.20 2.65
C HIS A 270 -6.20 -10.39 3.82
N ARG A 271 -5.32 -11.39 3.68
CA ARG A 271 -4.39 -11.77 4.73
C ARG A 271 -3.11 -12.29 4.09
N VAL A 272 -2.07 -12.41 4.90
CA VAL A 272 -0.75 -12.85 4.45
C VAL A 272 -0.46 -14.22 5.05
N LYS A 273 -0.29 -15.22 4.21
CA LYS A 273 0.06 -16.55 4.69
C LYS A 273 1.51 -16.57 5.17
N TRP A 274 1.76 -17.39 6.19
CA TRP A 274 3.13 -17.65 6.60
C TRP A 274 3.81 -18.52 5.56
N VAL A 275 4.91 -18.04 5.02
CA VAL A 275 5.76 -18.83 4.13
C VAL A 275 7.20 -18.63 4.58
N ASN A 276 7.92 -19.74 4.79
CA ASN A 276 9.29 -19.64 5.27
C ASN A 276 10.20 -19.47 4.07
N ALA A 277 10.36 -18.23 3.63
CA ALA A 277 11.12 -17.91 2.43
C ALA A 277 11.46 -16.44 2.46
N GLU A 278 12.71 -16.12 2.15
CA GLU A 278 13.13 -14.73 2.02
C GLU A 278 12.33 -14.06 0.93
N ARG A 279 11.68 -12.95 1.25
CA ARG A 279 10.93 -12.24 0.23
C ARG A 279 10.76 -10.79 0.62
N GLN A 280 10.53 -9.98 -0.41
N GLN A 280 10.19 -10.02 -0.31
CA GLN A 280 10.50 -8.54 -0.31
CA GLN A 280 9.84 -8.62 -0.06
C GLN A 280 9.13 -8.07 -0.77
C GLN A 280 8.37 -8.36 -0.33
N SER A 281 8.60 -7.08 -0.07
N SER A 281 7.84 -7.35 0.36
CA SER A 281 7.26 -6.57 -0.34
CA SER A 281 6.47 -6.86 0.17
C SER A 281 7.35 -5.05 -0.27
C SER A 281 6.56 -5.34 0.19
N LEU A 282 6.81 -4.38 -1.29
N LEU A 282 6.40 -4.71 -0.97
CA LEU A 282 6.90 -2.93 -1.40
CA LEU A 282 6.69 -3.28 -1.15
C LEU A 282 5.53 -2.36 -1.71
C LEU A 282 5.42 -2.54 -1.54
N PRO A 283 4.67 -2.21 -0.70
N PRO A 283 4.56 -2.24 -0.58
CA PRO A 283 3.39 -1.54 -0.93
CA PRO A 283 3.31 -1.53 -0.89
C PRO A 283 3.53 -0.02 -1.01
C PRO A 283 3.50 -0.03 -0.99
N PHE A 284 2.66 0.57 -1.84
CA PHE A 284 2.50 2.02 -1.93
C PHE A 284 1.04 2.28 -1.61
N PHE A 285 0.77 2.94 -0.50
CA PHE A 285 -0.58 3.22 -0.07
C PHE A 285 -0.99 4.57 -0.65
N VAL A 286 -1.95 4.55 -1.57
CA VAL A 286 -2.40 5.75 -2.26
C VAL A 286 -3.36 6.47 -1.31
N ASN A 287 -2.85 7.51 -0.65
CA ASN A 287 -3.61 8.37 0.24
C ASN A 287 -3.72 9.74 -0.40
N LEU A 288 -4.80 10.45 -0.10
CA LEU A 288 -4.99 11.78 -0.64
C LEU A 288 -4.33 12.80 0.28
N GLY A 289 -4.74 14.07 0.20
CA GLY A 289 -4.26 15.08 1.12
C GLY A 289 -5.07 15.13 2.40
N TYR A 290 -4.51 15.80 3.41
CA TYR A 290 -5.13 15.80 4.73
C TYR A 290 -6.57 16.32 4.68
N ASP A 291 -6.80 17.37 3.90
CA ASP A 291 -8.11 18.00 3.81
C ASP A 291 -8.93 17.50 2.62
N SER A 292 -8.43 16.53 1.88
CA SER A 292 -9.16 16.03 0.72
C SER A 292 -10.47 15.38 1.17
N VAL A 293 -11.57 15.76 0.51
CA VAL A 293 -12.88 15.19 0.75
C VAL A 293 -13.48 14.82 -0.60
N ILE A 294 -13.96 13.58 -0.74
CA ILE A 294 -14.67 13.14 -1.93
C ILE A 294 -16.13 12.90 -1.54
N ASP A 295 -17.04 13.52 -2.28
CA ASP A 295 -18.47 13.38 -2.01
C ASP A 295 -18.91 11.96 -2.36
N PRO A 296 -19.47 11.19 -1.42
CA PRO A 296 -19.89 9.83 -1.76
C PRO A 296 -21.02 9.80 -2.79
N PHE A 297 -21.11 8.66 -3.48
CA PHE A 297 -22.14 8.44 -4.48
C PHE A 297 -22.38 6.94 -4.57
N ASP A 298 -23.49 6.58 -5.21
CA ASP A 298 -23.92 5.18 -5.30
C ASP A 298 -24.17 4.85 -6.77
N PRO A 299 -23.17 4.29 -7.45
CA PRO A 299 -23.34 3.98 -8.88
C PRO A 299 -24.44 2.97 -9.17
N ARG A 300 -25.04 2.37 -8.13
CA ARG A 300 -26.12 1.43 -8.32
C ARG A 300 -27.47 2.10 -8.46
N GLU A 301 -27.61 3.34 -8.00
CA GLU A 301 -28.85 4.09 -8.02
C GLU A 301 -28.94 4.94 -9.27
N PRO A 302 -30.13 4.98 -9.90
CA PRO A 302 -30.29 5.82 -11.09
C PRO A 302 -29.84 7.26 -10.88
N ASN A 303 -30.16 7.85 -9.73
CA ASN A 303 -29.77 9.23 -9.45
C ASN A 303 -28.37 9.34 -8.84
N GLY A 304 -27.70 8.23 -8.55
CA GLY A 304 -26.36 8.26 -8.04
C GLY A 304 -26.20 8.78 -6.63
N LYS A 305 -27.30 9.12 -5.95
CA LYS A 305 -27.21 9.75 -4.65
C LYS A 305 -26.83 8.74 -3.57
N SER A 306 -26.05 9.21 -2.60
CA SER A 306 -25.70 8.46 -1.41
C SER A 306 -25.97 9.32 -0.18
N ASP A 307 -26.44 8.68 0.89
CA ASP A 307 -26.69 9.36 2.16
C ASP A 307 -25.44 9.45 3.03
N ARG A 308 -24.32 8.91 2.56
CA ARG A 308 -23.12 8.78 3.38
C ARG A 308 -22.41 10.12 3.55
N GLU A 309 -21.86 10.33 4.73
CA GLU A 309 -21.15 11.56 5.01
C GLU A 309 -19.85 11.62 4.21
N PRO A 310 -19.51 12.75 3.60
CA PRO A 310 -18.16 12.93 3.07
C PRO A 310 -17.13 12.91 4.19
N LEU A 311 -16.05 12.15 3.99
CA LEU A 311 -15.03 11.95 5.01
C LEU A 311 -13.76 12.68 4.60
N SER A 312 -13.22 13.49 5.51
CA SER A 312 -11.93 14.11 5.26
C SER A 312 -10.84 13.04 5.33
N TYR A 313 -9.90 13.10 4.40
CA TYR A 313 -8.99 11.97 4.26
C TYR A 313 -8.04 11.87 5.44
N GLY A 314 -7.60 13.00 5.97
CA GLY A 314 -6.64 12.98 7.07
C GLY A 314 -7.22 12.37 8.34
N ASP A 315 -8.48 12.70 8.65
CA ASP A 315 -9.14 12.07 9.79
C ASP A 315 -9.34 10.58 9.56
N TYR A 316 -9.70 10.19 8.33
CA TYR A 316 -9.85 8.77 8.01
C TYR A 316 -8.54 8.02 8.20
N LEU A 317 -7.44 8.62 7.76
CA LEU A 317 -6.14 7.98 7.87
C LEU A 317 -5.69 7.86 9.33
N GLN A 318 -5.87 8.93 10.10
CA GLN A 318 -5.51 8.87 11.51
C GLN A 318 -6.28 7.76 12.22
N ASN A 319 -7.60 7.70 12.01
CA ASN A 319 -8.40 6.66 12.65
C ASN A 319 -8.04 5.27 12.13
N GLY A 320 -7.71 5.15 10.85
CA GLY A 320 -7.48 3.86 10.24
C GLY A 320 -6.16 3.24 10.67
N LEU A 321 -5.10 4.04 10.70
CA LEU A 321 -3.80 3.49 11.02
C LEU A 321 -3.76 3.01 12.47
N VAL A 322 -4.45 3.71 13.38
CA VAL A 322 -4.50 3.26 14.77
C VAL A 322 -5.35 2.01 14.90
N SER A 323 -6.50 1.97 14.21
CA SER A 323 -7.38 0.80 14.31
C SER A 323 -6.68 -0.47 13.84
N LEU A 324 -5.93 -0.37 12.74
CA LEU A 324 -5.26 -1.55 12.20
C LEU A 324 -4.18 -2.04 13.15
N ILE A 325 -3.43 -1.10 13.75
CA ILE A 325 -2.44 -1.48 14.76
C ILE A 325 -3.10 -2.21 15.92
N ASN A 326 -4.30 -1.77 16.30
CA ASN A 326 -4.97 -2.37 17.44
C ASN A 326 -5.47 -3.78 17.11
N LYS A 327 -6.04 -3.98 15.92
CA LYS A 327 -6.60 -5.27 15.58
C LYS A 327 -5.49 -6.28 15.25
N ASN A 328 -4.54 -5.89 14.40
CA ASN A 328 -3.57 -6.82 13.85
C ASN A 328 -2.17 -6.63 14.41
N GLY A 329 -1.98 -5.75 15.39
CA GLY A 329 -0.71 -5.64 16.09
C GLY A 329 0.22 -4.60 15.48
N GLN A 330 1.14 -4.13 16.31
CA GLN A 330 2.18 -3.22 15.85
C GLN A 330 3.11 -3.95 14.87
N THR A 331 3.26 -3.41 13.67
CA THR A 331 4.08 -4.04 12.64
C THR A 331 5.55 -3.65 12.82
#